data_3IDI
#
_entry.id   3IDI
#
_cell.length_a   63.500
_cell.length_b   76.500
_cell.length_c   94.200
_cell.angle_alpha   90.00
_cell.angle_beta   90.00
_cell.angle_gamma   90.00
#
_symmetry.space_group_name_H-M   'P 21 21 21'
#
loop_
_entity.id
_entity.type
_entity.pdbx_description
1 polymer '2F5 Fab light chain'
2 polymer '2F5 Fab heavy chain'
3 polymer 'gp41 MPER peptide'
4 non-polymer 'SULFATE ION'
5 non-polymer GLYCEROL
6 water water
#
loop_
_entity_poly.entity_id
_entity_poly.type
_entity_poly.pdbx_seq_one_letter_code
_entity_poly.pdbx_strand_id
1 'polypeptide(L)'
;ALQLTQSPSSLSASVGDRITITCRASQGVTSALAWYRQKPGSPPQLLIYDASSLESGVPSRFSGSGSGTEFTLTISTLRP
EDFATYYCQQLHFYPHTFGGGTRVDVRRTVAAPSVFIFPPSDEQLKSGTASVVCLLNNFYPREAKVQWKVDNALQSGNSQ
ESVTEQDSKDSTYSLSSTLTLSKADYEKHKVYECEVTHQGLSSPVTKSFNRGEC
;
A
2 'polypeptide(L)'
;RITLKESGPPLVKPTQTLTLTCSFSGFSLSDFGVGVGWIRQPPGKALEWLAIIYSDDDKRYSPSLNTRLTITKDTSKNQV
VLVMTRVSPVDTATYFCAHRRGPTTLFGVPIARGPVNAMDVWGQGITVTISSTSTKGPSVFPLAPSSKSTSGGTAALGCL
VKDYFPEPVTVSWNSGALTSGVHTFPAVLQSSGLYSLSSVVTVPSSSLGTQTYTCNVNHKPSNTKVDKRVEPKSCDK
;
B
3 'polypeptide(L)' ALDKWQN C
#
loop_
_chem_comp.id
_chem_comp.type
_chem_comp.name
_chem_comp.formula
GOL non-polymer GLYCEROL 'C3 H8 O3'
SO4 non-polymer 'SULFATE ION' 'O4 S -2'
#
# COMPACT_ATOMS: atom_id res chain seq x y z
N ALA A 1 1.11 25.13 -5.24
CA ALA A 1 1.57 24.61 -3.92
C ALA A 1 3.02 24.17 -3.98
N LEU A 2 3.69 24.17 -2.82
CA LEU A 2 5.08 23.74 -2.79
C LEU A 2 5.20 22.25 -3.01
N GLN A 3 5.99 21.87 -4.01
CA GLN A 3 6.18 20.47 -4.34
C GLN A 3 7.52 19.96 -3.80
N LEU A 4 7.50 18.74 -3.26
CA LEU A 4 8.69 18.08 -2.75
C LEU A 4 8.94 16.87 -3.63
N THR A 5 10.04 16.86 -4.36
CA THR A 5 10.34 15.76 -5.26
C THR A 5 11.47 14.88 -4.73
N GLN A 6 11.18 13.59 -4.58
CA GLN A 6 12.17 12.63 -4.09
C GLN A 6 12.74 11.79 -5.22
N SER A 7 14.07 11.62 -5.20
CA SER A 7 14.77 10.86 -6.21
C SER A 7 15.89 10.01 -5.62
N PRO A 8 16.01 8.76 -6.09
CA PRO A 8 15.12 8.19 -7.12
C PRO A 8 13.86 7.71 -6.41
N SER A 9 12.76 7.51 -7.13
CA SER A 9 11.54 7.07 -6.48
C SER A 9 11.66 5.64 -5.98
N SER A 10 12.46 4.83 -6.66
CA SER A 10 12.67 3.44 -6.26
C SER A 10 14.14 3.12 -6.48
N LEU A 11 14.70 2.32 -5.59
CA LEU A 11 16.13 2.01 -5.67
C LEU A 11 16.43 0.61 -5.12
N SER A 12 17.24 -0.17 -5.84
CA SER A 12 17.60 -1.50 -5.36
C SER A 12 19.04 -1.51 -4.87
N ALA A 13 19.27 -2.17 -3.74
CA ALA A 13 20.61 -2.23 -3.16
C ALA A 13 20.84 -3.51 -2.36
N SER A 14 22.07 -3.66 -1.88
CA SER A 14 22.46 -4.84 -1.11
C SER A 14 22.95 -4.42 0.26
N VAL A 15 22.92 -5.36 1.20
CA VAL A 15 23.41 -5.08 2.54
C VAL A 15 24.86 -4.67 2.42
N GLY A 16 25.25 -3.62 3.13
CA GLY A 16 26.61 -3.15 3.09
C GLY A 16 26.82 -2.01 2.10
N ASP A 17 25.82 -1.73 1.27
CA ASP A 17 25.91 -0.64 0.30
C ASP A 17 25.81 0.74 0.93
N ARG A 18 26.38 1.73 0.25
CA ARG A 18 26.31 3.10 0.67
C ARG A 18 25.35 3.73 -0.33
N ILE A 19 24.24 4.28 0.15
CA ILE A 19 23.31 4.92 -0.76
C ILE A 19 22.96 6.32 -0.31
N THR A 20 22.68 7.17 -1.28
CA THR A 20 22.32 8.55 -0.99
C THR A 20 21.07 8.82 -1.79
N ILE A 21 20.12 9.44 -1.11
CA ILE A 21 18.81 9.71 -1.65
C ILE A 21 18.48 11.20 -1.53
N THR A 22 17.76 11.75 -2.51
CA THR A 22 17.47 13.19 -2.48
C THR A 22 16.01 13.63 -2.43
N CYS A 23 15.82 14.82 -1.89
CA CYS A 23 14.53 15.45 -1.75
C CYS A 23 14.75 16.90 -2.20
N ARG A 24 13.99 17.30 -3.22
CA ARG A 24 14.06 18.63 -3.83
C ARG A 24 12.78 19.40 -3.55
N ALA A 25 12.92 20.68 -3.19
CA ALA A 25 11.75 21.52 -2.90
C ALA A 25 11.65 22.68 -3.89
N SER A 26 10.45 22.85 -4.45
CA SER A 26 10.18 23.91 -5.43
C SER A 26 10.51 25.33 -4.95
N GLN A 27 10.57 25.51 -3.63
CA GLN A 27 10.91 26.81 -3.04
C GLN A 27 11.76 26.59 -1.80
N GLY A 28 12.53 27.63 -1.42
CA GLY A 28 13.39 27.53 -0.25
C GLY A 28 12.65 27.21 1.04
N VAL A 29 13.12 26.19 1.74
CA VAL A 29 12.51 25.78 3.01
C VAL A 29 13.54 25.84 4.14
N THR A 30 14.59 26.62 3.92
CA THR A 30 15.69 26.78 4.88
C THR A 30 16.22 25.42 5.38
N SER A 31 16.09 25.15 6.68
CA SER A 31 16.57 23.88 7.21
C SER A 31 15.42 23.03 7.75
N ALA A 32 14.18 23.46 7.47
CA ALA A 32 12.99 22.78 7.95
C ALA A 32 12.60 21.53 7.16
N LEU A 33 13.48 20.54 7.13
CA LEU A 33 13.21 19.29 6.41
C LEU A 33 13.52 18.07 7.26
N ALA A 34 12.57 17.15 7.34
CA ALA A 34 12.76 15.94 8.14
C ALA A 34 12.72 14.69 7.26
N TRP A 35 13.45 13.67 7.69
CA TRP A 35 13.51 12.38 6.98
C TRP A 35 12.96 11.27 7.86
N TYR A 36 12.17 10.40 7.25
CA TYR A 36 11.58 9.28 7.96
C TYR A 36 11.77 7.97 7.23
N ARG A 37 11.87 6.88 7.99
CA ARG A 37 11.97 5.56 7.42
C ARG A 37 10.68 4.85 7.77
N GLN A 38 10.07 4.16 6.80
CA GLN A 38 8.84 3.45 7.09
C GLN A 38 8.83 2.02 6.63
N LYS A 39 8.79 1.12 7.60
CA LYS A 39 8.74 -0.29 7.32
C LYS A 39 7.26 -0.60 7.12
N PRO A 40 6.94 -1.56 6.25
CA PRO A 40 5.58 -1.99 5.92
C PRO A 40 4.79 -2.38 7.18
N GLY A 41 3.58 -1.86 7.29
CA GLY A 41 2.74 -2.18 8.43
C GLY A 41 3.05 -1.34 9.66
N SER A 42 4.15 -0.60 9.62
CA SER A 42 4.55 0.24 10.74
C SER A 42 4.44 1.70 10.39
N PRO A 43 4.36 2.58 11.40
CA PRO A 43 4.26 3.99 11.09
C PRO A 43 5.64 4.55 10.79
N PRO A 44 5.70 5.74 10.17
CA PRO A 44 6.98 6.38 9.82
C PRO A 44 7.78 6.62 11.09
N GLN A 45 9.09 6.55 10.97
CA GLN A 45 9.97 6.75 12.10
C GLN A 45 11.00 7.82 11.76
N LEU A 46 11.06 8.86 12.59
CA LEU A 46 11.98 9.98 12.39
C LEU A 46 13.45 9.59 12.46
N LEU A 47 14.20 9.97 11.44
CA LEU A 47 15.63 9.68 11.37
C LEU A 47 16.43 10.97 11.54
N ILE A 48 16.08 11.96 10.73
CA ILE A 48 16.75 13.25 10.73
C ILE A 48 15.75 14.41 10.83
N TYR A 49 16.07 15.38 11.66
CA TYR A 49 15.23 16.56 11.81
C TYR A 49 16.08 17.79 11.56
N ASP A 50 15.42 18.89 11.19
CA ASP A 50 16.12 20.13 10.91
C ASP A 50 17.21 19.91 9.85
N ALA A 51 16.90 19.05 8.89
CA ALA A 51 17.77 18.73 7.76
C ALA A 51 19.07 17.97 8.01
N SER A 52 19.74 18.20 9.13
CA SER A 52 21.01 17.53 9.38
C SER A 52 21.18 16.92 10.76
N SER A 53 20.20 17.12 11.64
CA SER A 53 20.32 16.58 12.98
C SER A 53 19.82 15.16 13.11
N LEU A 54 20.72 14.28 13.55
CA LEU A 54 20.41 12.88 13.73
C LEU A 54 19.53 12.75 14.98
N GLU A 55 18.35 12.15 14.80
CA GLU A 55 17.42 11.99 15.92
C GLU A 55 17.96 11.00 16.95
N SER A 56 17.79 11.34 18.22
CA SER A 56 18.26 10.48 19.31
C SER A 56 17.72 9.07 19.19
N GLY A 57 18.61 8.09 19.39
CA GLY A 57 18.21 6.70 19.30
C GLY A 57 18.40 6.12 17.91
N VAL A 58 18.56 7.00 16.92
CA VAL A 58 18.74 6.57 15.54
C VAL A 58 20.19 6.20 15.27
N PRO A 59 20.43 5.03 14.66
CA PRO A 59 21.78 4.54 14.35
C PRO A 59 22.66 5.52 13.58
N SER A 60 23.95 5.47 13.86
CA SER A 60 24.95 6.35 13.26
C SER A 60 25.11 6.30 11.74
N ARG A 61 24.75 5.18 11.12
CA ARG A 61 24.89 5.07 9.66
C ARG A 61 24.03 6.10 8.91
N PHE A 62 23.02 6.65 9.57
CA PHE A 62 22.15 7.64 8.93
C PHE A 62 22.68 9.05 9.07
N SER A 63 22.59 9.82 8.00
CA SER A 63 23.02 11.21 8.02
C SER A 63 22.28 11.99 6.96
N GLY A 64 22.07 13.28 7.23
CA GLY A 64 21.38 14.12 6.28
C GLY A 64 22.11 15.43 6.08
N SER A 65 21.85 16.09 4.96
CA SER A 65 22.48 17.37 4.70
C SER A 65 21.66 18.14 3.68
N GLY A 66 21.91 19.45 3.62
CA GLY A 66 21.19 20.27 2.67
C GLY A 66 20.59 21.48 3.33
N SER A 67 20.06 22.36 2.49
CA SER A 67 19.45 23.59 2.96
C SER A 67 18.77 24.22 1.74
N GLY A 68 17.84 25.11 1.98
CA GLY A 68 17.15 25.76 0.87
C GLY A 68 16.27 24.83 0.07
N THR A 69 16.74 24.41 -1.10
CA THR A 69 15.95 23.53 -1.96
C THR A 69 16.54 22.15 -2.17
N GLU A 70 17.78 21.93 -1.77
CA GLU A 70 18.40 20.62 -1.96
C GLU A 70 18.77 19.89 -0.67
N PHE A 71 18.32 18.65 -0.56
CA PHE A 71 18.59 17.84 0.63
C PHE A 71 18.89 16.37 0.30
N THR A 72 19.71 15.75 1.14
CA THR A 72 20.05 14.34 0.94
C THR A 72 20.07 13.56 2.24
N LEU A 73 19.78 12.26 2.12
CA LEU A 73 19.82 11.33 3.23
C LEU A 73 20.81 10.28 2.78
N THR A 74 21.79 9.99 3.61
CA THR A 74 22.80 8.99 3.26
C THR A 74 22.85 7.88 4.29
N ILE A 75 22.96 6.64 3.81
CA ILE A 75 23.09 5.49 4.71
C ILE A 75 24.45 4.90 4.37
N SER A 76 25.39 5.10 5.29
CA SER A 76 26.78 4.67 5.15
C SER A 76 26.95 3.19 4.83
N THR A 77 26.07 2.37 5.40
CA THR A 77 26.15 0.95 5.16
C THR A 77 24.74 0.44 5.43
N LEU A 78 23.99 0.06 4.41
CA LEU A 78 22.66 -0.37 4.78
C LEU A 78 22.57 -1.77 5.34
N ARG A 79 21.59 -1.88 6.21
CA ARG A 79 21.30 -3.08 6.94
C ARG A 79 19.98 -3.64 6.47
N PRO A 80 19.75 -4.93 6.75
CA PRO A 80 18.50 -5.58 6.36
C PRO A 80 17.26 -4.78 6.76
N GLU A 81 17.27 -4.18 7.93
CA GLU A 81 16.11 -3.41 8.35
C GLU A 81 15.95 -2.07 7.64
N ASP A 82 16.85 -1.75 6.70
CA ASP A 82 16.76 -0.49 5.96
C ASP A 82 16.00 -0.63 4.65
N PHE A 83 15.69 -1.87 4.26
CA PHE A 83 14.93 -2.09 3.05
C PHE A 83 13.51 -1.66 3.42
N ALA A 84 13.18 -0.42 3.07
CA ALA A 84 11.89 0.15 3.39
C ALA A 84 11.63 1.36 2.51
N THR A 85 10.65 2.18 2.90
CA THR A 85 10.35 3.38 2.14
C THR A 85 10.73 4.60 2.96
N TYR A 86 11.40 5.55 2.30
CA TYR A 86 11.84 6.76 2.97
C TYR A 86 11.10 7.98 2.47
N TYR A 87 10.76 8.87 3.40
CA TYR A 87 10.05 10.09 3.03
C TYR A 87 10.72 11.31 3.65
N CYS A 88 10.61 12.43 2.95
CA CYS A 88 11.12 13.68 3.48
C CYS A 88 9.88 14.54 3.67
N GLN A 89 9.98 15.54 4.53
CA GLN A 89 8.86 16.42 4.82
C GLN A 89 9.41 17.80 5.13
N GLN A 90 8.77 18.83 4.59
CA GLN A 90 9.21 20.20 4.88
C GLN A 90 8.17 20.85 5.79
N LEU A 91 8.66 21.53 6.81
CA LEU A 91 7.79 22.19 7.79
C LEU A 91 8.09 23.70 7.86
N HIS A 92 8.37 24.30 6.71
CA HIS A 92 8.65 25.73 6.63
C HIS A 92 7.37 26.47 6.23
N PHE A 93 6.66 25.93 5.25
CA PHE A 93 5.40 26.51 4.76
C PHE A 93 4.24 25.58 5.06
N TYR A 94 3.05 26.16 5.20
CA TYR A 94 1.84 25.38 5.40
C TYR A 94 1.27 25.30 3.99
N PRO A 95 0.81 24.12 3.58
CA PRO A 95 0.78 22.87 4.37
C PRO A 95 2.15 22.17 4.41
N HIS A 96 2.36 21.36 5.45
CA HIS A 96 3.61 20.61 5.66
C HIS A 96 3.77 19.40 4.76
N THR A 97 4.10 19.65 3.50
CA THR A 97 4.29 18.61 2.48
C THR A 97 5.27 17.47 2.75
N PHE A 98 4.93 16.31 2.21
CA PHE A 98 5.74 15.10 2.29
C PHE A 98 6.14 14.80 0.84
N GLY A 99 7.29 14.19 0.64
CA GLY A 99 7.72 13.82 -0.70
C GLY A 99 6.96 12.56 -1.12
N GLY A 100 7.15 12.14 -2.36
CA GLY A 100 6.49 10.94 -2.84
C GLY A 100 7.12 9.65 -2.37
N GLY A 101 8.23 9.77 -1.65
CA GLY A 101 8.92 8.61 -1.11
C GLY A 101 9.91 7.89 -2.03
N THR A 102 10.86 7.21 -1.42
CA THR A 102 11.85 6.43 -2.15
C THR A 102 11.79 5.01 -1.59
N ARG A 103 11.49 4.04 -2.45
CA ARG A 103 11.41 2.64 -2.06
C ARG A 103 12.76 1.96 -2.26
N VAL A 104 13.31 1.40 -1.19
CA VAL A 104 14.59 0.71 -1.29
C VAL A 104 14.33 -0.78 -1.13
N ASP A 105 14.66 -1.57 -2.15
CA ASP A 105 14.43 -3.00 -2.06
C ASP A 105 15.72 -3.80 -2.25
N VAL A 106 15.64 -5.11 -2.03
CA VAL A 106 16.78 -5.99 -2.16
C VAL A 106 17.15 -6.31 -3.58
N ARG A 107 18.39 -6.06 -3.94
CA ARG A 107 18.83 -6.36 -5.29
C ARG A 107 19.22 -7.82 -5.49
N ARG A 108 18.90 -8.33 -6.67
CA ARG A 108 19.21 -9.70 -7.08
C ARG A 108 19.28 -9.66 -8.60
N THR A 109 19.68 -10.74 -9.25
CA THR A 109 19.76 -10.74 -10.71
C THR A 109 18.38 -10.60 -11.32
N VAL A 110 18.33 -10.00 -12.50
CA VAL A 110 17.08 -9.80 -13.23
C VAL A 110 16.43 -11.16 -13.47
N ALA A 111 15.14 -11.26 -13.19
CA ALA A 111 14.41 -12.50 -13.40
C ALA A 111 13.09 -12.19 -14.10
N ALA A 112 12.91 -12.75 -15.29
CA ALA A 112 11.69 -12.54 -16.05
C ALA A 112 10.54 -13.28 -15.38
N PRO A 113 9.33 -12.72 -15.46
CA PRO A 113 8.19 -13.39 -14.84
C PRO A 113 7.75 -14.62 -15.62
N SER A 114 7.18 -15.60 -14.90
CA SER A 114 6.62 -16.79 -15.54
C SER A 114 5.17 -16.35 -15.64
N VAL A 115 4.61 -16.32 -16.84
CA VAL A 115 3.24 -15.84 -17.04
C VAL A 115 2.20 -16.93 -17.26
N PHE A 116 1.03 -16.76 -16.65
CA PHE A 116 -0.06 -17.72 -16.81
C PHE A 116 -1.37 -16.94 -16.94
N ILE A 117 -2.28 -17.46 -17.76
CA ILE A 117 -3.58 -16.81 -17.93
C ILE A 117 -4.66 -17.80 -17.51
N PHE A 118 -5.67 -17.30 -16.80
CA PHE A 118 -6.77 -18.13 -16.29
C PHE A 118 -8.15 -17.66 -16.76
N PRO A 119 -8.86 -18.48 -17.54
CA PRO A 119 -10.19 -18.07 -18.01
C PRO A 119 -11.16 -18.09 -16.83
N PRO A 120 -12.32 -17.45 -16.99
CA PRO A 120 -13.29 -17.45 -15.88
C PRO A 120 -13.93 -18.83 -15.79
N SER A 121 -14.44 -19.18 -14.61
CA SER A 121 -15.07 -20.48 -14.40
C SER A 121 -16.53 -20.44 -14.85
N ASP A 122 -17.07 -21.60 -15.21
CA ASP A 122 -18.47 -21.68 -15.63
C ASP A 122 -19.35 -21.31 -14.45
N GLU A 123 -18.90 -21.66 -13.25
CA GLU A 123 -19.64 -21.36 -12.05
C GLU A 123 -19.84 -19.84 -11.92
N GLN A 124 -18.76 -19.08 -12.11
CA GLN A 124 -18.87 -17.63 -12.01
C GLN A 124 -19.74 -16.99 -13.09
N LEU A 125 -19.67 -17.50 -14.32
CA LEU A 125 -20.46 -16.93 -15.40
C LEU A 125 -21.96 -16.85 -15.08
N LYS A 126 -22.45 -17.78 -14.27
CA LYS A 126 -23.86 -17.79 -13.89
C LYS A 126 -24.19 -16.52 -13.12
N SER A 127 -23.22 -16.01 -12.39
CA SER A 127 -23.42 -14.80 -11.58
C SER A 127 -23.60 -13.57 -12.46
N GLY A 128 -23.22 -13.68 -13.73
CA GLY A 128 -23.36 -12.54 -14.63
C GLY A 128 -22.04 -11.81 -14.88
N THR A 129 -20.98 -12.27 -14.24
CA THR A 129 -19.67 -11.63 -14.42
C THR A 129 -18.60 -12.66 -14.76
N ALA A 130 -17.59 -12.20 -15.50
CA ALA A 130 -16.48 -13.06 -15.89
C ALA A 130 -15.17 -12.41 -15.47
N SER A 131 -14.42 -13.10 -14.63
CA SER A 131 -13.13 -12.59 -14.19
C SER A 131 -12.05 -13.43 -14.86
N VAL A 132 -11.15 -12.79 -15.58
CA VAL A 132 -10.06 -13.51 -16.19
C VAL A 132 -8.81 -12.95 -15.57
N VAL A 133 -7.95 -13.83 -15.05
CA VAL A 133 -6.76 -13.34 -14.39
C VAL A 133 -5.46 -13.76 -15.02
N CYS A 134 -4.48 -12.87 -14.86
CA CYS A 134 -3.14 -13.08 -15.38
C CYS A 134 -2.16 -13.04 -14.24
N LEU A 135 -1.31 -14.06 -14.19
CA LEU A 135 -0.31 -14.18 -13.15
C LEU A 135 1.11 -14.03 -13.67
N LEU A 136 1.86 -13.12 -13.05
CA LEU A 136 3.27 -12.89 -13.36
C LEU A 136 3.96 -13.42 -12.11
N ASN A 137 4.63 -14.54 -12.23
CA ASN A 137 5.26 -15.17 -11.06
C ASN A 137 6.77 -15.04 -10.93
N ASN A 138 7.20 -14.71 -9.72
CA ASN A 138 8.61 -14.59 -9.37
C ASN A 138 9.51 -13.82 -10.34
N PHE A 139 9.37 -12.50 -10.37
CA PHE A 139 10.18 -11.68 -11.27
C PHE A 139 10.95 -10.59 -10.50
N TYR A 140 11.89 -9.96 -11.20
CA TYR A 140 12.70 -8.88 -10.66
C TYR A 140 13.40 -8.17 -11.80
N PRO A 141 13.42 -6.83 -11.80
CA PRO A 141 12.85 -5.95 -10.78
C PRO A 141 11.32 -5.87 -10.72
N ARG A 142 10.83 -5.09 -9.77
CA ARG A 142 9.41 -4.91 -9.51
C ARG A 142 8.56 -4.35 -10.64
N GLU A 143 9.08 -3.37 -11.38
CA GLU A 143 8.28 -2.77 -12.47
C GLU A 143 7.95 -3.77 -13.55
N ALA A 144 6.66 -3.84 -13.86
CA ALA A 144 6.17 -4.74 -14.88
C ALA A 144 4.90 -4.13 -15.44
N LYS A 145 4.64 -4.42 -16.70
CA LYS A 145 3.46 -3.88 -17.36
C LYS A 145 2.59 -5.00 -17.93
N VAL A 146 1.31 -4.96 -17.57
CA VAL A 146 0.34 -5.94 -18.04
C VAL A 146 -0.67 -5.23 -18.94
N GLN A 147 -0.89 -5.76 -20.13
CA GLN A 147 -1.87 -5.18 -21.03
C GLN A 147 -2.85 -6.27 -21.46
N TRP A 148 -4.13 -5.99 -21.28
CA TRP A 148 -5.18 -6.93 -21.65
C TRP A 148 -5.73 -6.63 -23.03
N LYS A 149 -5.99 -7.69 -23.79
CA LYS A 149 -6.55 -7.55 -25.13
C LYS A 149 -7.64 -8.60 -25.33
N VAL A 150 -8.75 -8.18 -25.94
CA VAL A 150 -9.85 -9.09 -26.23
C VAL A 150 -10.13 -8.88 -27.72
N ASP A 151 -9.98 -9.96 -28.50
CA ASP A 151 -10.16 -9.89 -29.95
C ASP A 151 -9.38 -8.68 -30.46
N ASN A 152 -8.16 -8.59 -29.95
CA ASN A 152 -7.17 -7.56 -30.24
C ASN A 152 -7.53 -6.15 -29.83
N ALA A 153 -8.57 -6.01 -29.01
CA ALA A 153 -8.96 -4.70 -28.54
C ALA A 153 -8.31 -4.44 -27.18
N LEU A 154 -7.54 -3.35 -27.08
CA LEU A 154 -6.89 -3.01 -25.83
C LEU A 154 -7.92 -2.66 -24.76
N GLN A 155 -7.83 -3.31 -23.61
CA GLN A 155 -8.76 -3.07 -22.51
C GLN A 155 -8.21 -2.02 -21.56
N SER A 156 -9.05 -1.07 -21.16
CA SER A 156 -8.63 -0.01 -20.26
C SER A 156 -9.75 0.35 -19.30
N GLY A 157 -9.41 0.46 -18.01
CA GLY A 157 -10.39 0.80 -17.00
C GLY A 157 -11.17 -0.36 -16.41
N ASN A 158 -10.97 -1.56 -16.93
CA ASN A 158 -11.71 -2.70 -16.41
C ASN A 158 -10.82 -3.79 -15.81
N SER A 159 -9.65 -3.40 -15.34
CA SER A 159 -8.73 -4.34 -14.71
C SER A 159 -8.15 -3.75 -13.43
N GLN A 160 -7.73 -4.63 -12.53
CA GLN A 160 -7.11 -4.25 -11.25
C GLN A 160 -5.99 -5.24 -10.98
N GLU A 161 -4.94 -4.78 -10.30
CA GLU A 161 -3.83 -5.67 -9.99
C GLU A 161 -3.28 -5.40 -8.60
N SER A 162 -2.51 -6.35 -8.07
CA SER A 162 -1.87 -6.20 -6.77
C SER A 162 -0.57 -6.98 -6.88
N VAL A 163 0.42 -6.57 -6.10
CA VAL A 163 1.74 -7.19 -6.12
C VAL A 163 2.13 -7.65 -4.71
N THR A 164 2.87 -8.76 -4.61
CA THR A 164 3.29 -9.24 -3.30
C THR A 164 4.50 -8.49 -2.78
N GLU A 165 4.84 -8.71 -1.51
CA GLU A 165 6.01 -8.08 -0.92
C GLU A 165 7.17 -8.87 -1.52
N GLN A 166 8.33 -8.24 -1.60
CA GLN A 166 9.51 -8.92 -2.12
C GLN A 166 9.73 -10.17 -1.26
N ASP A 167 9.95 -11.29 -1.91
CA ASP A 167 10.17 -12.56 -1.23
C ASP A 167 11.41 -12.55 -0.34
N SER A 168 11.25 -12.99 0.90
CA SER A 168 12.34 -13.04 1.88
C SER A 168 13.49 -13.93 1.47
N LYS A 169 13.19 -15.00 0.75
CA LYS A 169 14.21 -15.95 0.32
C LYS A 169 14.80 -15.75 -1.06
N ASP A 170 13.96 -15.47 -2.07
CA ASP A 170 14.51 -15.31 -3.40
C ASP A 170 14.48 -13.88 -3.96
N SER A 171 14.00 -12.94 -3.15
CA SER A 171 13.96 -11.53 -3.55
C SER A 171 13.14 -11.22 -4.79
N THR A 172 12.18 -12.07 -5.13
CA THR A 172 11.35 -11.80 -6.30
C THR A 172 10.00 -11.22 -5.91
N TYR A 173 9.25 -10.79 -6.92
CA TYR A 173 7.91 -10.27 -6.74
C TYR A 173 7.02 -11.09 -7.63
N SER A 174 5.73 -11.06 -7.36
CA SER A 174 4.76 -11.75 -8.19
C SER A 174 3.60 -10.77 -8.33
N LEU A 175 2.89 -10.83 -9.45
CA LEU A 175 1.79 -9.91 -9.65
C LEU A 175 0.56 -10.59 -10.24
N SER A 176 -0.60 -10.18 -9.75
CA SER A 176 -1.87 -10.72 -10.22
C SER A 176 -2.75 -9.60 -10.76
N SER A 177 -3.22 -9.76 -11.99
CA SER A 177 -4.09 -8.78 -12.63
C SER A 177 -5.41 -9.43 -13.02
N THR A 178 -6.51 -8.77 -12.69
CA THR A 178 -7.83 -9.30 -12.99
C THR A 178 -8.59 -8.41 -13.93
N LEU A 179 -9.03 -8.98 -15.05
CA LEU A 179 -9.82 -8.26 -16.03
C LEU A 179 -11.25 -8.68 -15.78
N THR A 180 -12.13 -7.70 -15.56
CA THR A 180 -13.53 -7.98 -15.27
C THR A 180 -14.46 -7.55 -16.42
N LEU A 181 -15.28 -8.49 -16.88
CA LEU A 181 -16.21 -8.23 -17.97
C LEU A 181 -17.57 -8.82 -17.62
N SER A 182 -18.61 -8.36 -18.32
CA SER A 182 -19.93 -8.92 -18.07
C SER A 182 -19.92 -10.25 -18.82
N LYS A 183 -20.80 -11.17 -18.41
CA LYS A 183 -20.87 -12.47 -19.07
C LYS A 183 -21.17 -12.28 -20.54
N ALA A 184 -22.05 -11.32 -20.83
CA ALA A 184 -22.44 -11.03 -22.21
C ALA A 184 -21.24 -10.65 -23.06
N ASP A 185 -20.41 -9.76 -22.54
CA ASP A 185 -19.24 -9.36 -23.30
C ASP A 185 -18.27 -10.52 -23.46
N TYR A 186 -18.15 -11.35 -22.43
CA TYR A 186 -17.25 -12.49 -22.49
C TYR A 186 -17.66 -13.50 -23.57
N GLU A 187 -18.96 -13.81 -23.65
CA GLU A 187 -19.45 -14.78 -24.63
C GLU A 187 -19.43 -14.19 -26.04
N LYS A 188 -19.38 -12.86 -26.12
CA LYS A 188 -19.37 -12.14 -27.38
C LYS A 188 -18.01 -12.12 -28.06
N HIS A 189 -16.95 -12.42 -27.31
CA HIS A 189 -15.62 -12.40 -27.90
C HIS A 189 -14.89 -13.72 -27.83
N LYS A 190 -13.81 -13.81 -28.60
CA LYS A 190 -13.06 -15.05 -28.69
C LYS A 190 -11.68 -15.16 -28.04
N VAL A 191 -10.73 -14.31 -28.43
CA VAL A 191 -9.37 -14.37 -27.86
C VAL A 191 -9.17 -13.48 -26.66
N TYR A 192 -8.64 -14.05 -25.60
CA TYR A 192 -8.35 -13.29 -24.40
C TYR A 192 -6.85 -13.34 -24.25
N GLU A 193 -6.25 -12.16 -24.25
CA GLU A 193 -4.81 -12.03 -24.23
C GLU A 193 -4.23 -11.17 -23.09
N CYS A 194 -3.20 -11.70 -22.44
CA CYS A 194 -2.49 -10.99 -21.38
C CYS A 194 -1.08 -10.76 -21.89
N GLU A 195 -0.72 -9.50 -22.15
CA GLU A 195 0.61 -9.18 -22.64
C GLU A 195 1.47 -8.57 -21.54
N VAL A 196 2.62 -9.18 -21.29
CA VAL A 196 3.53 -8.72 -20.24
C VAL A 196 4.85 -8.10 -20.69
N THR A 197 5.14 -6.91 -20.19
CA THR A 197 6.38 -6.21 -20.50
C THR A 197 7.23 -6.15 -19.23
N HIS A 198 8.49 -6.54 -19.35
CA HIS A 198 9.39 -6.55 -18.20
C HIS A 198 10.84 -6.57 -18.67
N GLN A 199 11.72 -5.90 -17.93
CA GLN A 199 13.14 -5.85 -18.30
C GLN A 199 13.77 -7.21 -18.61
N GLY A 200 13.36 -8.25 -17.89
CA GLY A 200 13.93 -9.58 -18.13
C GLY A 200 13.46 -10.23 -19.43
N LEU A 201 12.55 -9.56 -20.14
CA LEU A 201 12.01 -10.09 -21.38
C LEU A 201 12.49 -9.27 -22.57
N SER A 202 13.24 -9.91 -23.47
CA SER A 202 13.78 -9.23 -24.63
C SER A 202 12.64 -8.55 -25.39
N SER A 203 11.48 -9.21 -25.39
CA SER A 203 10.30 -8.71 -26.06
C SER A 203 9.09 -9.08 -25.19
N PRO A 204 8.00 -8.30 -25.26
CA PRO A 204 6.82 -8.61 -24.46
C PRO A 204 6.31 -10.01 -24.74
N VAL A 205 5.87 -10.70 -23.69
CA VAL A 205 5.34 -12.04 -23.86
C VAL A 205 3.82 -12.00 -23.73
N THR A 206 3.16 -12.80 -24.55
CA THR A 206 1.70 -12.85 -24.54
C THR A 206 1.16 -14.25 -24.26
N LYS A 207 0.32 -14.38 -23.24
CA LYS A 207 -0.31 -15.65 -22.94
C LYS A 207 -1.78 -15.46 -23.29
N SER A 208 -2.38 -16.45 -23.92
CA SER A 208 -3.78 -16.31 -24.34
C SER A 208 -4.57 -17.60 -24.37
N PHE A 209 -5.87 -17.45 -24.57
CA PHE A 209 -6.79 -18.57 -24.69
C PHE A 209 -7.99 -18.14 -25.51
N ASN A 210 -8.62 -19.11 -26.17
CA ASN A 210 -9.81 -18.86 -26.96
C ASN A 210 -10.95 -19.40 -26.12
N ARG A 211 -11.93 -18.55 -25.82
CA ARG A 211 -13.06 -18.92 -24.98
C ARG A 211 -13.70 -20.26 -25.24
N GLY A 212 -13.94 -20.61 -26.49
CA GLY A 212 -14.56 -21.90 -26.69
C GLY A 212 -13.58 -23.04 -26.86
N GLU A 213 -12.34 -22.69 -27.20
CA GLU A 213 -11.29 -23.64 -27.54
C GLU A 213 -10.06 -23.94 -26.68
N ARG B 1 7.74 7.35 28.06
CA ARG B 1 7.92 8.56 27.21
C ARG B 1 6.63 8.87 26.47
N ILE B 2 6.74 9.61 25.38
CA ILE B 2 5.60 9.99 24.55
C ILE B 2 5.01 8.86 23.70
N THR B 3 3.69 8.75 23.72
CA THR B 3 2.99 7.74 22.93
C THR B 3 1.64 8.31 22.50
N LEU B 4 1.19 7.92 21.31
CA LEU B 4 -0.10 8.38 20.81
C LEU B 4 -0.83 7.21 20.20
N LYS B 5 -2.15 7.24 20.25
CA LYS B 5 -2.91 6.16 19.66
C LYS B 5 -4.22 6.65 19.04
N GLU B 6 -4.40 6.33 17.76
CA GLU B 6 -5.58 6.74 17.03
C GLU B 6 -6.72 5.75 17.25
N SER B 7 -7.93 6.27 17.41
CA SER B 7 -9.10 5.44 17.59
C SER B 7 -10.28 6.01 16.81
N GLY B 8 -11.24 5.15 16.50
CA GLY B 8 -12.40 5.57 15.75
C GLY B 8 -12.91 4.36 14.99
N PRO B 9 -13.92 4.54 14.14
CA PRO B 9 -14.54 3.48 13.34
C PRO B 9 -13.63 2.97 12.23
N PRO B 10 -13.45 1.65 12.13
CA PRO B 10 -12.59 1.14 11.07
C PRO B 10 -13.35 1.17 9.74
N LEU B 11 -14.68 1.22 9.82
CA LEU B 11 -15.53 1.23 8.63
C LEU B 11 -16.45 2.45 8.59
N VAL B 12 -16.47 3.14 7.44
CA VAL B 12 -17.33 4.31 7.28
C VAL B 12 -18.00 4.34 5.92
N LYS B 13 -19.26 4.78 5.92
CA LYS B 13 -20.07 4.86 4.71
C LYS B 13 -19.83 6.08 3.83
N PRO B 14 -19.82 5.88 2.51
CA PRO B 14 -19.61 6.97 1.55
C PRO B 14 -20.65 8.05 1.86
N THR B 15 -20.20 9.30 1.90
CA THR B 15 -21.04 10.47 2.20
C THR B 15 -21.04 10.82 3.69
N GLN B 16 -20.87 9.82 4.54
CA GLN B 16 -20.88 10.04 5.98
C GLN B 16 -19.66 10.78 6.51
N THR B 17 -19.66 11.05 7.80
CA THR B 17 -18.56 11.75 8.45
C THR B 17 -17.63 10.80 9.22
N LEU B 18 -16.35 11.09 9.13
CA LEU B 18 -15.34 10.30 9.82
C LEU B 18 -14.83 11.10 11.02
N THR B 19 -14.92 10.51 12.20
CA THR B 19 -14.45 11.17 13.40
C THR B 19 -13.35 10.29 14.00
N LEU B 20 -12.16 10.86 14.14
CA LEU B 20 -11.02 10.14 14.69
C LEU B 20 -10.48 10.84 15.91
N THR B 21 -10.01 10.07 16.88
CA THR B 21 -9.47 10.63 18.12
C THR B 21 -8.05 10.19 18.37
N CYS B 22 -7.21 11.14 18.76
CA CYS B 22 -5.81 10.90 19.06
C CYS B 22 -5.61 11.09 20.56
N SER B 23 -5.37 10.00 21.27
CA SER B 23 -5.16 10.05 22.72
C SER B 23 -3.67 9.92 22.96
N PHE B 24 -3.11 10.82 23.77
CA PHE B 24 -1.67 10.81 24.01
C PHE B 24 -1.26 10.94 25.48
N SER B 25 -0.03 10.54 25.77
CA SER B 25 0.53 10.65 27.11
C SER B 25 2.04 10.85 26.99
N GLY B 26 2.65 11.35 28.05
CA GLY B 26 4.08 11.60 28.04
C GLY B 26 4.35 13.06 27.74
N PHE B 27 3.29 13.79 27.41
CA PHE B 27 3.41 15.22 27.11
C PHE B 27 2.01 15.82 27.19
N SER B 28 1.92 17.14 27.06
CA SER B 28 0.61 17.77 27.12
C SER B 28 0.51 18.98 26.19
N LEU B 29 -0.67 19.15 25.62
CA LEU B 29 -0.93 20.22 24.68
C LEU B 29 -0.93 21.60 25.34
N SER B 30 -0.55 21.66 26.60
CA SER B 30 -0.50 22.93 27.29
C SER B 30 0.89 23.53 27.10
N ASP B 31 1.91 22.70 27.30
CA ASP B 31 3.33 23.08 27.25
C ASP B 31 4.02 23.96 26.19
N PHE B 32 3.32 24.88 25.55
CA PHE B 32 3.97 25.78 24.57
C PHE B 32 4.58 25.26 23.27
N GLY B 33 4.03 25.73 22.16
CA GLY B 33 4.52 25.35 20.86
C GLY B 33 4.26 23.93 20.43
N VAL B 34 3.88 23.08 21.38
CA VAL B 34 3.61 21.69 21.07
C VAL B 34 2.48 21.53 20.08
N GLY B 35 2.62 20.57 19.18
CA GLY B 35 1.60 20.34 18.19
C GLY B 35 1.28 18.86 18.03
N VAL B 36 0.10 18.60 17.50
CA VAL B 36 -0.36 17.26 17.24
C VAL B 36 -0.97 17.37 15.85
N GLY B 37 -0.36 16.68 14.90
CA GLY B 37 -0.87 16.73 13.54
C GLY B 37 -1.44 15.41 13.07
N TRP B 38 -2.13 15.45 11.94
CA TRP B 38 -2.72 14.25 11.35
C TRP B 38 -2.14 14.06 9.96
N ILE B 39 -1.79 12.81 9.66
CA ILE B 39 -1.22 12.43 8.38
C ILE B 39 -1.89 11.14 7.96
N ARG B 40 -2.24 11.02 6.68
CA ARG B 40 -2.90 9.82 6.19
C ARG B 40 -2.05 9.15 5.12
N GLN B 41 -2.36 7.89 4.82
CA GLN B 41 -1.62 7.14 3.83
C GLN B 41 -2.51 6.11 3.16
N PRO B 42 -2.84 6.33 1.89
CA PRO B 42 -3.69 5.38 1.17
C PRO B 42 -2.85 4.12 0.94
N PRO B 43 -3.48 2.94 0.98
CA PRO B 43 -2.76 1.69 0.76
C PRO B 43 -1.74 1.82 -0.37
N GLY B 44 -0.48 1.57 -0.07
CA GLY B 44 0.56 1.64 -1.08
C GLY B 44 0.92 3.02 -1.62
N LYS B 45 0.29 4.09 -1.12
CA LYS B 45 0.60 5.44 -1.58
C LYS B 45 1.53 6.13 -0.59
N ALA B 46 1.84 7.39 -0.88
CA ALA B 46 2.72 8.19 -0.03
C ALA B 46 1.93 8.86 1.09
N LEU B 47 2.67 9.45 2.02
CA LEU B 47 2.09 10.15 3.16
C LEU B 47 1.45 11.45 2.71
N GLU B 48 0.33 11.82 3.33
CA GLU B 48 -0.35 13.06 2.98
C GLU B 48 -0.68 13.85 4.24
N TRP B 49 -0.20 15.09 4.27
CA TRP B 49 -0.43 15.96 5.42
C TRP B 49 -1.88 16.45 5.45
N LEU B 50 -2.53 16.30 6.59
CA LEU B 50 -3.92 16.69 6.75
C LEU B 50 -4.13 17.98 7.54
N ALA B 51 -3.67 18.00 8.79
CA ALA B 51 -3.84 19.18 9.62
C ALA B 51 -2.98 19.11 10.86
N ILE B 52 -2.93 20.23 11.59
CA ILE B 52 -2.17 20.27 12.83
C ILE B 52 -2.77 21.31 13.76
N ILE B 53 -2.75 21.02 15.06
CA ILE B 53 -3.26 21.95 16.06
C ILE B 53 -2.20 22.10 17.13
N TYR B 54 -2.06 23.31 17.66
CA TYR B 54 -1.07 23.58 18.69
C TYR B 54 -1.63 23.92 20.06
N SER B 55 -0.71 24.06 21.01
CA SER B 55 -1.04 24.39 22.39
C SER B 55 -1.99 25.58 22.51
N ASP B 56 -1.79 26.58 21.65
CA ASP B 56 -2.61 27.79 21.67
C ASP B 56 -3.83 27.74 20.76
N ASP B 57 -4.31 26.54 20.50
CA ASP B 57 -5.47 26.30 19.64
C ASP B 57 -5.23 26.78 18.22
N ASP B 58 -4.01 27.24 17.96
CA ASP B 58 -3.63 27.67 16.63
C ASP B 58 -3.91 26.47 15.73
N LYS B 59 -4.27 26.72 14.48
CA LYS B 59 -4.66 25.63 13.58
C LYS B 59 -4.31 25.81 12.11
N ARG B 60 -4.09 24.70 11.42
CA ARG B 60 -3.80 24.72 9.99
C ARG B 60 -4.33 23.45 9.33
N TYR B 61 -4.91 23.60 8.15
CA TYR B 61 -5.45 22.47 7.42
C TYR B 61 -4.86 22.40 6.03
N SER B 62 -4.92 21.23 5.41
CA SER B 62 -4.44 21.10 4.06
C SER B 62 -5.47 21.85 3.21
N PRO B 63 -5.02 22.83 2.42
CA PRO B 63 -5.84 23.68 1.55
C PRO B 63 -6.93 22.93 0.78
N SER B 64 -6.50 21.86 0.13
CA SER B 64 -7.36 21.01 -0.69
C SER B 64 -8.53 20.35 0.05
N LEU B 65 -8.33 20.06 1.33
CA LEU B 65 -9.34 19.40 2.16
C LEU B 65 -9.91 20.36 3.22
N ASN B 66 -9.53 21.62 3.15
CA ASN B 66 -9.98 22.59 4.15
C ASN B 66 -11.46 22.68 4.49
N THR B 67 -12.34 22.61 3.50
CA THR B 67 -13.77 22.71 3.81
C THR B 67 -14.38 21.39 4.30
N ARG B 68 -13.55 20.36 4.42
CA ARG B 68 -13.99 19.04 4.87
C ARG B 68 -13.44 18.63 6.23
N LEU B 69 -12.39 19.31 6.68
CA LEU B 69 -11.74 18.98 7.95
C LEU B 69 -11.97 19.96 9.08
N THR B 70 -12.04 19.42 10.29
CA THR B 70 -12.18 20.23 11.49
C THR B 70 -11.34 19.53 12.55
N ILE B 71 -10.40 20.26 13.14
CA ILE B 71 -9.54 19.67 14.15
C ILE B 71 -9.70 20.43 15.47
N THR B 72 -9.86 19.67 16.56
CA THR B 72 -10.01 20.25 17.89
C THR B 72 -9.18 19.48 18.90
N LYS B 73 -9.10 20.03 20.11
CA LYS B 73 -8.33 19.42 21.18
C LYS B 73 -9.06 19.63 22.49
N ASP B 74 -8.95 18.65 23.38
CA ASP B 74 -9.56 18.72 24.69
C ASP B 74 -8.42 18.52 25.67
N THR B 75 -8.00 19.60 26.33
CA THR B 75 -6.90 19.51 27.28
C THR B 75 -7.22 18.67 28.51
N SER B 76 -8.49 18.59 28.88
CA SER B 76 -8.91 17.81 30.04
C SER B 76 -8.70 16.32 29.82
N LYS B 77 -8.70 15.90 28.56
CA LYS B 77 -8.54 14.49 28.25
C LYS B 77 -7.32 14.12 27.42
N ASN B 78 -6.49 15.10 27.10
CA ASN B 78 -5.31 14.85 26.31
C ASN B 78 -5.68 14.14 25.02
N GLN B 79 -6.67 14.70 24.32
CA GLN B 79 -7.10 14.12 23.06
C GLN B 79 -7.26 15.19 22.01
N VAL B 80 -6.99 14.81 20.76
CA VAL B 80 -7.12 15.71 19.63
C VAL B 80 -8.07 14.98 18.71
N VAL B 81 -9.05 15.70 18.18
CA VAL B 81 -10.04 15.09 17.31
C VAL B 81 -9.99 15.62 15.88
N LEU B 82 -10.23 14.73 14.92
CA LEU B 82 -10.25 15.13 13.53
C LEU B 82 -11.57 14.68 12.95
N VAL B 83 -12.27 15.62 12.33
CA VAL B 83 -13.56 15.35 11.71
C VAL B 83 -13.47 15.61 10.22
N MET B 84 -13.71 14.56 9.43
CA MET B 84 -13.67 14.68 7.98
C MET B 84 -15.05 14.40 7.42
N THR B 85 -15.61 15.36 6.70
CA THR B 85 -16.95 15.19 6.13
C THR B 85 -17.00 14.69 4.68
N ARG B 86 -18.20 14.26 4.29
CA ARG B 86 -18.49 13.70 2.98
C ARG B 86 -17.34 12.87 2.41
N VAL B 87 -17.01 11.80 3.13
CA VAL B 87 -15.94 10.91 2.71
C VAL B 87 -16.39 10.04 1.54
N SER B 88 -15.42 9.57 0.77
CA SER B 88 -15.68 8.71 -0.37
C SER B 88 -14.58 7.65 -0.35
N PRO B 89 -14.73 6.59 -1.16
CA PRO B 89 -13.74 5.51 -1.22
C PRO B 89 -12.26 5.92 -1.29
N VAL B 90 -11.98 7.10 -1.84
CA VAL B 90 -10.59 7.57 -1.95
C VAL B 90 -10.01 8.00 -0.62
N ASP B 91 -10.86 8.13 0.40
CA ASP B 91 -10.40 8.53 1.71
C ASP B 91 -9.96 7.30 2.50
N THR B 92 -10.14 6.13 1.89
CA THR B 92 -9.74 4.89 2.52
C THR B 92 -8.22 4.95 2.71
N ALA B 93 -7.77 4.83 3.95
CA ALA B 93 -6.35 4.89 4.23
C ALA B 93 -6.06 4.70 5.69
N THR B 94 -4.78 4.74 6.02
CA THR B 94 -4.35 4.62 7.39
C THR B 94 -4.15 6.07 7.85
N TYR B 95 -4.77 6.42 8.97
CA TYR B 95 -4.64 7.76 9.53
C TYR B 95 -3.75 7.71 10.76
N PHE B 96 -2.76 8.58 10.78
CA PHE B 96 -1.78 8.67 11.86
C PHE B 96 -1.85 10.03 12.52
N CYS B 97 -1.61 10.09 13.82
CA CYS B 97 -1.51 11.39 14.47
C CYS B 97 -0.09 11.38 15.00
N ALA B 98 0.54 12.54 15.03
CA ALA B 98 1.90 12.63 15.48
C ALA B 98 2.15 13.86 16.32
N HIS B 99 3.26 13.81 17.05
CA HIS B 99 3.67 14.88 17.94
C HIS B 99 4.76 15.76 17.31
N ARG B 100 4.68 17.06 17.56
CA ARG B 100 5.69 18.00 17.06
C ARG B 100 6.27 18.77 18.25
N ARG B 101 7.59 18.68 18.41
CA ARG B 101 8.26 19.38 19.49
C ARG B 101 8.14 20.89 19.39
N GLY B 102 8.18 21.56 20.54
CA GLY B 102 8.10 23.01 20.56
C GLY B 102 9.47 23.60 20.73
N PRO B 103 9.62 24.92 20.53
CA PRO B 103 10.91 25.62 20.65
C PRO B 103 11.52 25.22 21.99
N THR B 104 12.67 24.56 21.94
CA THR B 104 13.33 24.09 23.15
C THR B 104 13.41 25.11 24.27
N GLY B 114 14.60 24.17 16.12
CA GLY B 114 15.40 23.17 15.45
C GLY B 114 14.69 21.83 15.55
N PRO B 115 14.51 21.32 16.79
CA PRO B 115 13.84 20.05 17.05
C PRO B 115 12.36 20.14 16.69
N VAL B 116 11.89 21.36 16.39
CA VAL B 116 10.50 21.58 16.00
C VAL B 116 10.34 21.17 14.54
N ASN B 117 11.46 21.04 13.83
CA ASN B 117 11.39 20.68 12.43
C ASN B 117 11.29 19.20 12.13
N ALA B 118 10.16 18.62 12.54
CA ALA B 118 9.86 17.21 12.34
C ALA B 118 8.67 16.82 13.19
N MET B 119 8.16 15.62 12.95
CA MET B 119 7.08 15.05 13.73
C MET B 119 7.85 13.87 14.34
N ASP B 120 8.32 14.07 15.56
CA ASP B 120 9.14 13.08 16.26
C ASP B 120 8.51 11.79 16.74
N VAL B 121 7.24 11.81 17.11
CA VAL B 121 6.60 10.58 17.58
C VAL B 121 5.25 10.36 16.91
N TRP B 122 5.07 9.16 16.37
CA TRP B 122 3.84 8.80 15.65
C TRP B 122 3.00 7.73 16.33
N GLY B 123 1.70 7.76 16.07
CA GLY B 123 0.81 6.75 16.61
C GLY B 123 0.98 5.53 15.73
N GLN B 124 0.35 4.42 16.10
CA GLN B 124 0.46 3.20 15.31
C GLN B 124 -0.32 3.37 14.01
N GLY B 125 -1.35 4.22 14.07
CA GLY B 125 -2.17 4.47 12.90
C GLY B 125 -3.42 3.61 12.89
N ILE B 126 -4.53 4.17 12.41
CA ILE B 126 -5.77 3.39 12.35
C ILE B 126 -6.20 3.24 10.90
N THR B 127 -6.58 2.02 10.54
CA THR B 127 -7.02 1.73 9.18
C THR B 127 -8.52 2.04 9.06
N VAL B 128 -8.85 2.88 8.08
CA VAL B 128 -10.24 3.25 7.84
C VAL B 128 -10.60 2.88 6.42
N THR B 129 -11.70 2.14 6.26
CA THR B 129 -12.16 1.72 4.94
C THR B 129 -13.51 2.37 4.66
N ILE B 130 -13.63 3.02 3.50
CA ILE B 130 -14.89 3.66 3.12
C ILE B 130 -15.59 2.83 2.04
N SER B 131 -16.71 2.24 2.43
CA SER B 131 -17.51 1.39 1.55
C SER B 131 -18.97 1.45 2.02
N SER B 132 -19.89 1.34 1.08
CA SER B 132 -21.33 1.36 1.36
C SER B 132 -21.76 -0.08 1.57
N THR B 133 -20.78 -0.96 1.66
CA THR B 133 -21.02 -2.38 1.78
C THR B 133 -21.31 -3.02 3.14
N SER B 134 -22.10 -4.08 3.09
CA SER B 134 -22.49 -4.85 4.27
C SER B 134 -21.60 -6.08 4.35
N THR B 135 -21.51 -6.67 5.53
CA THR B 135 -20.70 -7.85 5.73
C THR B 135 -21.20 -8.89 4.72
N LYS B 136 -20.26 -9.50 4.01
CA LYS B 136 -20.62 -10.47 2.99
C LYS B 136 -19.53 -11.50 2.79
N GLY B 137 -19.94 -12.76 2.75
CA GLY B 137 -19.00 -13.84 2.54
C GLY B 137 -18.53 -13.89 1.10
N PRO B 138 -17.34 -14.46 0.85
CA PRO B 138 -16.80 -14.56 -0.49
C PRO B 138 -17.29 -15.75 -1.30
N SER B 139 -17.19 -15.62 -2.61
CA SER B 139 -17.51 -16.71 -3.53
C SER B 139 -16.09 -17.14 -3.90
N VAL B 140 -15.84 -18.44 -3.97
CA VAL B 140 -14.50 -18.90 -4.30
C VAL B 140 -14.51 -19.67 -5.61
N PHE B 141 -13.81 -19.11 -6.60
CA PHE B 141 -13.72 -19.70 -7.93
C PHE B 141 -12.33 -20.25 -8.22
N PRO B 142 -12.25 -21.27 -9.07
CA PRO B 142 -10.95 -21.85 -9.41
C PRO B 142 -10.20 -21.09 -10.50
N LEU B 143 -8.88 -21.15 -10.41
CA LEU B 143 -7.98 -20.58 -11.41
C LEU B 143 -7.32 -21.88 -11.86
N ALA B 144 -7.92 -22.50 -12.89
CA ALA B 144 -7.48 -23.79 -13.39
C ALA B 144 -6.19 -23.84 -14.19
N PRO B 145 -5.41 -24.91 -14.00
CA PRO B 145 -4.14 -25.09 -14.70
C PRO B 145 -4.20 -26.12 -15.81
N SER B 146 -3.12 -26.13 -16.60
CA SER B 146 -2.92 -27.09 -17.68
C SER B 146 -1.42 -27.24 -17.72
N GLY B 153 8.24 -29.42 -16.13
CA GLY B 153 7.68 -28.10 -16.34
C GLY B 153 6.85 -27.65 -15.16
N THR B 154 6.67 -26.33 -15.03
CA THR B 154 5.89 -25.81 -13.91
C THR B 154 4.52 -25.32 -14.32
N ALA B 155 3.52 -25.69 -13.53
CA ALA B 155 2.15 -25.30 -13.79
C ALA B 155 1.66 -24.44 -12.64
N ALA B 156 0.77 -23.50 -12.94
CA ALA B 156 0.22 -22.63 -11.93
C ALA B 156 -1.26 -22.91 -11.78
N LEU B 157 -1.77 -22.76 -10.58
CA LEU B 157 -3.20 -22.95 -10.34
C LEU B 157 -3.53 -22.10 -9.14
N GLY B 158 -4.82 -21.85 -8.92
CA GLY B 158 -5.19 -21.02 -7.79
C GLY B 158 -6.67 -20.88 -7.54
N CYS B 159 -6.99 -19.92 -6.68
CA CYS B 159 -8.35 -19.62 -6.29
C CYS B 159 -8.63 -18.12 -6.32
N LEU B 160 -9.79 -17.76 -6.84
CA LEU B 160 -10.19 -16.36 -6.88
C LEU B 160 -11.24 -16.24 -5.79
N VAL B 161 -10.91 -15.46 -4.77
CA VAL B 161 -11.79 -15.24 -3.62
C VAL B 161 -12.45 -13.89 -3.88
N LYS B 162 -13.66 -13.94 -4.39
CA LYS B 162 -14.37 -12.73 -4.80
C LYS B 162 -15.60 -12.24 -4.03
N ASP B 163 -15.79 -10.92 -4.10
CA ASP B 163 -16.90 -10.21 -3.50
C ASP B 163 -17.19 -10.44 -2.02
N TYR B 164 -16.21 -10.12 -1.20
CA TYR B 164 -16.39 -10.27 0.23
C TYR B 164 -16.19 -8.93 0.91
N PHE B 165 -16.61 -8.86 2.17
CA PHE B 165 -16.47 -7.65 2.95
C PHE B 165 -16.82 -7.95 4.39
N PRO B 166 -16.02 -7.43 5.34
CA PRO B 166 -14.83 -6.61 5.08
C PRO B 166 -13.59 -7.48 5.18
N GLU B 167 -12.42 -6.86 5.12
CA GLU B 167 -11.18 -7.59 5.28
C GLU B 167 -11.24 -8.09 6.72
N PRO B 168 -10.47 -9.13 7.05
CA PRO B 168 -9.60 -9.85 6.13
C PRO B 168 -10.16 -11.23 5.85
N VAL B 169 -9.42 -12.00 5.07
CA VAL B 169 -9.79 -13.36 4.74
C VAL B 169 -8.50 -14.16 4.77
N THR B 170 -8.60 -15.45 5.09
CA THR B 170 -7.42 -16.28 5.10
C THR B 170 -7.51 -17.39 4.06
N VAL B 171 -6.37 -17.72 3.48
CA VAL B 171 -6.28 -18.75 2.47
C VAL B 171 -5.10 -19.66 2.75
N SER B 172 -5.33 -20.96 2.72
CA SER B 172 -4.27 -21.94 2.92
C SER B 172 -4.50 -22.97 1.84
N TRP B 173 -3.50 -23.81 1.59
CA TRP B 173 -3.65 -24.84 0.57
C TRP B 173 -3.45 -26.23 1.17
N ASN B 174 -4.36 -27.14 0.81
CA ASN B 174 -4.31 -28.51 1.30
C ASN B 174 -4.21 -28.55 2.81
N SER B 175 -5.06 -27.76 3.46
CA SER B 175 -5.12 -27.69 4.91
C SER B 175 -3.78 -27.32 5.55
N GLY B 176 -3.02 -26.49 4.86
CA GLY B 176 -1.73 -26.06 5.39
C GLY B 176 -0.56 -26.95 5.01
N ALA B 177 -0.82 -28.10 4.41
CA ALA B 177 0.25 -29.02 4.03
C ALA B 177 1.04 -28.49 2.84
N LEU B 178 0.45 -27.57 2.08
CA LEU B 178 1.11 -27.01 0.90
C LEU B 178 1.47 -25.54 1.19
N THR B 179 2.77 -25.25 1.23
CA THR B 179 3.23 -23.89 1.52
C THR B 179 4.21 -23.35 0.47
N SER B 180 5.08 -24.22 -0.01
CA SER B 180 6.07 -23.83 -1.02
C SER B 180 5.43 -23.43 -2.35
N GLY B 181 5.84 -22.28 -2.88
CA GLY B 181 5.31 -21.81 -4.15
C GLY B 181 3.98 -21.07 -4.06
N VAL B 182 3.49 -20.86 -2.84
CA VAL B 182 2.22 -20.17 -2.65
C VAL B 182 2.37 -18.65 -2.62
N HIS B 183 1.47 -17.97 -3.33
CA HIS B 183 1.46 -16.51 -3.36
C HIS B 183 0.04 -16.03 -3.18
N THR B 184 -0.26 -15.49 -2.00
CA THR B 184 -1.59 -14.97 -1.74
C THR B 184 -1.44 -13.45 -1.84
N PHE B 185 -2.07 -12.91 -2.88
CA PHE B 185 -2.01 -11.48 -3.17
C PHE B 185 -2.85 -10.58 -2.31
N PRO B 186 -2.45 -9.30 -2.21
CA PRO B 186 -3.18 -8.32 -1.43
C PRO B 186 -4.55 -8.18 -2.10
N ALA B 187 -5.60 -8.04 -1.32
CA ALA B 187 -6.93 -7.90 -1.91
C ALA B 187 -7.07 -6.51 -2.53
N VAL B 188 -7.95 -6.39 -3.52
CA VAL B 188 -8.21 -5.10 -4.13
C VAL B 188 -9.65 -4.76 -3.78
N LEU B 189 -9.90 -3.49 -3.48
CA LEU B 189 -11.25 -3.04 -3.17
C LEU B 189 -11.82 -2.63 -4.52
N GLN B 190 -12.86 -3.34 -4.95
CA GLN B 190 -13.51 -3.09 -6.23
C GLN B 190 -14.43 -1.87 -6.16
N SER B 191 -14.86 -1.39 -7.32
CA SER B 191 -15.73 -0.23 -7.36
C SER B 191 -17.10 -0.55 -6.73
N SER B 192 -17.38 -1.85 -6.61
CA SER B 192 -18.64 -2.28 -6.02
C SER B 192 -18.58 -2.12 -4.50
N GLY B 193 -17.39 -1.89 -3.98
CA GLY B 193 -17.23 -1.74 -2.54
C GLY B 193 -16.88 -3.06 -1.88
N LEU B 194 -16.78 -4.12 -2.69
CA LEU B 194 -16.45 -5.45 -2.20
C LEU B 194 -15.02 -5.79 -2.60
N TYR B 195 -14.36 -6.59 -1.76
CA TYR B 195 -12.98 -6.99 -2.03
C TYR B 195 -12.91 -8.21 -2.91
N SER B 196 -11.74 -8.40 -3.51
CA SER B 196 -11.47 -9.55 -4.37
C SER B 196 -9.98 -9.84 -4.26
N LEU B 197 -9.64 -11.10 -4.00
CA LEU B 197 -8.23 -11.45 -3.91
C LEU B 197 -7.96 -12.81 -4.51
N SER B 198 -6.73 -13.03 -4.93
CA SER B 198 -6.34 -14.31 -5.51
C SER B 198 -5.19 -14.94 -4.75
N SER B 199 -5.14 -16.27 -4.78
CA SER B 199 -4.07 -17.00 -4.13
C SER B 199 -3.68 -18.06 -5.14
N VAL B 200 -2.39 -18.12 -5.44
CA VAL B 200 -1.91 -19.09 -6.42
C VAL B 200 -0.79 -19.93 -5.85
N VAL B 201 -0.52 -21.04 -6.52
CA VAL B 201 0.56 -21.91 -6.12
C VAL B 201 1.11 -22.52 -7.39
N THR B 202 2.42 -22.61 -7.43
CA THR B 202 3.10 -23.14 -8.59
C THR B 202 3.57 -24.56 -8.24
N VAL B 203 3.32 -25.51 -9.15
CA VAL B 203 3.66 -26.93 -8.93
C VAL B 203 4.15 -27.66 -10.18
N PRO B 204 4.73 -28.86 -10.00
CA PRO B 204 5.23 -29.68 -11.12
C PRO B 204 4.04 -30.10 -11.96
N SER B 205 4.13 -29.91 -13.27
CA SER B 205 3.05 -30.29 -14.16
C SER B 205 2.75 -31.78 -14.05
N SER B 206 3.79 -32.56 -13.76
CA SER B 206 3.64 -34.00 -13.63
C SER B 206 2.76 -34.37 -12.42
N SER B 207 2.68 -33.46 -11.46
CA SER B 207 1.90 -33.69 -10.25
C SER B 207 0.40 -33.45 -10.46
N LEU B 208 0.06 -32.78 -11.55
CA LEU B 208 -1.33 -32.46 -11.84
C LEU B 208 -2.29 -33.64 -11.85
N GLY B 209 -1.86 -34.75 -12.46
CA GLY B 209 -2.73 -35.91 -12.54
C GLY B 209 -2.88 -36.79 -11.30
N THR B 210 -2.00 -36.61 -10.32
CA THR B 210 -2.06 -37.43 -9.11
C THR B 210 -2.34 -36.67 -7.83
N GLN B 211 -1.63 -35.56 -7.61
CA GLN B 211 -1.83 -34.78 -6.40
C GLN B 211 -3.10 -33.93 -6.52
N THR B 212 -3.75 -33.66 -5.39
CA THR B 212 -4.94 -32.84 -5.42
C THR B 212 -4.62 -31.50 -4.76
N TYR B 213 -5.24 -30.45 -5.25
CA TYR B 213 -5.00 -29.11 -4.73
C TYR B 213 -6.31 -28.46 -4.34
N THR B 214 -6.41 -28.08 -3.07
CA THR B 214 -7.61 -27.46 -2.55
C THR B 214 -7.27 -26.22 -1.72
N CYS B 215 -7.91 -25.10 -2.02
CA CYS B 215 -7.64 -23.90 -1.24
C CYS B 215 -8.66 -23.83 -0.12
N ASN B 216 -8.20 -23.49 1.08
CA ASN B 216 -9.08 -23.39 2.23
C ASN B 216 -9.28 -21.91 2.55
N VAL B 217 -10.49 -21.43 2.30
CA VAL B 217 -10.82 -20.03 2.50
C VAL B 217 -11.65 -19.81 3.75
N ASN B 218 -11.27 -18.79 4.52
CA ASN B 218 -11.98 -18.47 5.74
C ASN B 218 -12.19 -16.95 5.90
N HIS B 219 -13.46 -16.54 5.87
CA HIS B 219 -13.82 -15.14 6.06
C HIS B 219 -14.55 -15.09 7.40
N LYS B 220 -13.77 -14.93 8.46
CA LYS B 220 -14.29 -14.87 9.82
C LYS B 220 -15.45 -13.88 10.02
N PRO B 221 -15.34 -12.66 9.46
CA PRO B 221 -16.40 -11.65 9.60
C PRO B 221 -17.80 -12.14 9.25
N SER B 222 -17.89 -13.04 8.27
CA SER B 222 -19.18 -13.57 7.84
C SER B 222 -19.36 -15.02 8.27
N ASN B 223 -18.38 -15.54 9.01
CA ASN B 223 -18.44 -16.92 9.46
C ASN B 223 -18.58 -17.80 8.22
N THR B 224 -17.82 -17.47 7.17
CA THR B 224 -17.87 -18.21 5.92
C THR B 224 -16.58 -18.98 5.63
N LYS B 225 -16.70 -20.31 5.54
CA LYS B 225 -15.56 -21.16 5.24
C LYS B 225 -15.84 -21.93 3.96
N VAL B 226 -14.86 -21.97 3.08
CA VAL B 226 -15.02 -22.66 1.81
C VAL B 226 -13.77 -23.44 1.45
N ASP B 227 -13.98 -24.66 0.96
CA ASP B 227 -12.89 -25.50 0.51
C ASP B 227 -13.14 -25.71 -1.00
N LYS B 228 -12.25 -25.18 -1.82
CA LYS B 228 -12.40 -25.29 -3.26
C LYS B 228 -11.29 -26.13 -3.85
N ARG B 229 -11.66 -27.30 -4.38
CA ARG B 229 -10.69 -28.17 -5.01
C ARG B 229 -10.53 -27.64 -6.43
N VAL B 230 -9.28 -27.48 -6.84
CA VAL B 230 -8.96 -26.95 -8.15
C VAL B 230 -8.26 -27.94 -9.06
N GLU B 231 -8.73 -28.03 -10.29
CA GLU B 231 -8.07 -28.89 -11.28
C GLU B 231 -8.22 -28.35 -12.69
N PRO B 232 -7.42 -28.89 -13.64
CA PRO B 232 -7.41 -28.50 -15.05
C PRO B 232 -8.76 -28.21 -15.68
N ALA C 1 1.56 30.51 3.50
CA ALA C 1 1.72 30.79 4.94
C ALA C 1 2.98 30.15 5.53
N LEU C 2 3.71 30.95 6.30
CA LEU C 2 4.90 30.46 6.97
C LEU C 2 4.58 29.69 8.21
N ASP C 3 5.41 28.67 8.43
CA ASP C 3 5.29 27.83 9.58
C ASP C 3 5.50 28.68 10.84
N LYS C 4 4.89 28.22 11.92
CA LYS C 4 4.93 28.90 13.19
C LYS C 4 6.30 29.25 13.68
N TRP C 5 7.25 28.35 13.45
CA TRP C 5 8.63 28.67 13.88
C TRP C 5 9.52 29.12 12.65
S SO4 D . 17.11 -0.04 13.56
O1 SO4 D . 15.74 -0.52 13.82
O2 SO4 D . 17.09 1.39 13.23
O3 SO4 D . 17.94 -0.25 14.77
O4 SO4 D . 17.70 -0.80 12.44
S SO4 E . -3.63 21.94 -4.44
O1 SO4 E . -4.87 22.53 -3.87
O2 SO4 E . -3.08 22.86 -5.45
O3 SO4 E . -2.65 21.73 -3.37
O4 SO4 E . -3.97 20.64 -5.06
C1 GOL F . -6.14 -9.70 -8.61
O1 GOL F . -5.72 -8.39 -9.28
C2 GOL F . -5.88 -9.20 -7.34
O2 GOL F . -7.30 -9.36 -7.07
C3 GOL F . -5.57 -9.54 -6.14
O3 GOL F . -5.69 -10.55 -5.11
#